data_4GW2
#
_entry.id   4GW2
#
_cell.length_a   65.393
_cell.length_b   70.312
_cell.length_c   80.319
_cell.angle_alpha   90.00
_cell.angle_beta   90.00
_cell.angle_gamma   90.00
#
_symmetry.space_group_name_H-M   'P 21 21 21'
#
loop_
_entity.id
_entity.type
_entity.pdbx_description
1 polymer 'Arginine kinase'
2 non-polymer "ADENOSINE-5'-DIPHOSPHATE"
3 non-polymer 'MAGNESIUM ION'
4 non-polymer L-ornithine
5 non-polymer 'NITRATE ION'
6 water water
#
_entity_poly.entity_id   1
_entity_poly.type   'polypeptide(L)'
_entity_poly.pdbx_seq_one_letter_code
;MVDQATLDKLEAGFKKLQEASDCKSLLKKHLTKDVFDSIKNKKTGMGATLLDVIQSGVENLDSGVGIYAPDAESYRTFGP
LFDPIIDDYHGGFKLTDKHPPKQWGDINTLVGLDPAGQFIISTRVRCGRSLQGYPFNPCLTAEQYKEMEEKVSSTLSSME
DELKGTYYPLTGMSKATQQQLIDDHFLFKEGDRFLQTANACRYWPTGRGIFHNDAKTFLVWVNEEDHLRIISMQKGGDLK
TVYKRLVTAVDNIESKLPFSHDDRFGFLTFCPTNLGTTMRASVHIQLPKLAKDRKVLEDIASKFNLQVRGTRGEHTESEG
GVYDISNKRRLGLTEYQAVREMQDGILEMIKMEKAAA
;
_entity_poly.pdbx_strand_id   A
#
loop_
_chem_comp.id
_chem_comp.type
_chem_comp.name
_chem_comp.formula
ADP non-polymer ADENOSINE-5'-DIPHOSPHATE 'C10 H15 N5 O10 P2'
MG non-polymer 'MAGNESIUM ION' 'Mg 2'
NO3 non-polymer 'NITRATE ION' 'N O3 -1'
#
# COMPACT_ATOMS: atom_id res chain seq x y z
N VAL A 2 18.61 13.81 19.92
CA VAL A 2 17.97 14.60 18.88
C VAL A 2 18.58 16.00 18.82
N ASP A 3 19.21 16.33 17.69
CA ASP A 3 19.90 17.61 17.54
C ASP A 3 18.95 18.80 17.40
N GLN A 4 19.44 19.96 17.84
CA GLN A 4 18.67 21.22 17.79
C GLN A 4 18.17 21.58 16.39
N ALA A 5 18.98 21.29 15.38
CA ALA A 5 18.65 21.64 14.01
C ALA A 5 17.38 20.94 13.55
N THR A 6 17.21 19.70 14.00
CA THR A 6 16.03 18.90 13.66
C THR A 6 14.80 19.44 14.39
N LEU A 7 15.00 19.88 15.64
CA LEU A 7 13.91 20.47 16.42
C LEU A 7 13.38 21.72 15.74
N ASP A 8 14.31 22.54 15.25
CA ASP A 8 13.94 23.73 14.50
C ASP A 8 13.01 23.38 13.35
N LYS A 9 13.40 22.39 12.55
CA LYS A 9 12.58 21.91 11.45
C LYS A 9 11.23 21.33 11.91
N LEU A 10 11.25 20.63 13.03
CA LEU A 10 10.01 20.07 13.60
C LEU A 10 9.06 21.15 14.12
N GLU A 11 9.60 22.08 14.90
CA GLU A 11 8.83 23.17 15.46
C GLU A 11 8.13 23.98 14.38
N ALA A 12 8.84 24.19 13.28
CA ALA A 12 8.31 24.93 12.13
C ALA A 12 7.24 24.14 11.40
N GLY A 13 7.43 22.83 11.32
CA GLY A 13 6.46 21.97 10.66
C GLY A 13 5.15 21.91 11.40
N PHE A 14 5.22 21.81 12.73
CA PHE A 14 4.01 21.75 13.55
C PHE A 14 3.18 23.00 13.31
N LYS A 15 3.86 24.15 13.31
CA LYS A 15 3.24 25.43 13.05
C LYS A 15 2.57 25.48 11.67
N LYS A 16 3.28 25.03 10.64
CA LYS A 16 2.73 25.03 9.29
C LYS A 16 1.47 24.18 9.18
N LEU A 17 1.50 23.00 9.81
CA LEU A 17 0.35 22.11 9.78
C LEU A 17 -0.85 22.74 10.50
N GLN A 18 -0.59 23.37 11.64
CA GLN A 18 -1.65 24.01 12.41
C GLN A 18 -2.24 25.14 11.57
N GLU A 19 -1.37 25.84 10.85
CA GLU A 19 -1.75 27.00 10.04
C GLU A 19 -2.47 26.60 8.75
N ALA A 20 -2.28 25.36 8.32
CA ALA A 20 -2.78 24.91 7.02
C ALA A 20 -4.26 24.64 7.07
N SER A 21 -5.04 25.71 6.86
CA SER A 21 -6.48 25.68 7.03
C SER A 21 -7.17 24.71 6.08
N ASP A 22 -6.58 24.45 4.92
CA ASP A 22 -7.23 23.58 3.95
C ASP A 22 -6.58 22.20 3.83
N CYS A 23 -5.67 21.88 4.74
CA CYS A 23 -5.07 20.55 4.79
C CYS A 23 -6.05 19.56 5.43
N LYS A 24 -6.23 18.39 4.81
CA LYS A 24 -7.22 17.44 5.32
C LYS A 24 -6.61 16.08 5.68
N SER A 25 -5.29 16.05 5.80
CA SER A 25 -4.56 14.83 6.14
C SER A 25 -4.72 14.40 7.61
N LEU A 26 -4.55 13.11 7.88
CA LEU A 26 -4.58 12.55 9.24
C LEU A 26 -3.43 12.99 10.17
N LEU A 27 -2.28 13.32 9.60
CA LEU A 27 -1.17 13.90 10.36
C LEU A 27 -1.63 15.18 11.07
N LYS A 28 -2.21 16.11 10.30
CA LYS A 28 -2.72 17.37 10.82
C LYS A 28 -3.82 17.18 11.85
N LYS A 29 -4.72 16.25 11.57
CA LYS A 29 -5.86 15.99 12.45
C LYS A 29 -5.43 15.45 13.82
N HIS A 30 -4.40 14.60 13.85
CA HIS A 30 -4.07 13.83 15.05
C HIS A 30 -2.79 14.23 15.82
N LEU A 31 -1.95 15.05 15.19
CA LEU A 31 -0.75 15.60 15.82
C LEU A 31 -1.07 16.83 16.67
N THR A 32 -1.58 16.61 17.88
CA THR A 32 -1.82 17.68 18.83
C THR A 32 -0.51 18.17 19.45
N LYS A 33 -0.54 19.35 20.06
CA LYS A 33 0.64 19.87 20.77
C LYS A 33 1.15 18.89 21.80
N ASP A 34 0.23 18.27 22.55
CA ASP A 34 0.60 17.29 23.56
C ASP A 34 1.31 16.13 22.88
N VAL A 35 0.69 15.61 21.83
CA VAL A 35 1.27 14.51 21.06
C VAL A 35 2.63 14.92 20.51
N PHE A 36 2.68 16.09 19.89
CA PHE A 36 3.91 16.63 19.33
C PHE A 36 5.02 16.74 20.36
N ASP A 37 4.72 17.41 21.47
CA ASP A 37 5.70 17.61 22.55
C ASP A 37 6.09 16.31 23.24
N SER A 38 5.16 15.37 23.32
CA SER A 38 5.39 14.12 24.03
C SER A 38 6.41 13.19 23.38
N ILE A 39 6.60 13.32 22.07
CA ILE A 39 7.45 12.36 21.36
C ILE A 39 8.55 12.98 20.51
N LYS A 40 8.60 14.30 20.42
CA LYS A 40 9.52 14.94 19.49
C LYS A 40 11.00 14.79 19.87
N ASN A 41 11.27 14.46 21.13
CA ASN A 41 12.65 14.26 21.58
C ASN A 41 13.08 12.80 21.61
N LYS A 42 12.27 11.91 21.07
CA LYS A 42 12.58 10.48 21.12
C LYS A 42 13.33 10.00 19.89
N LYS A 43 14.08 8.91 20.04
CA LYS A 43 14.89 8.38 18.96
C LYS A 43 14.98 6.86 19.04
N THR A 44 14.94 6.20 17.87
CA THR A 44 15.07 4.76 17.80
C THR A 44 16.55 4.33 17.82
N GLY A 45 16.78 3.02 17.87
CA GLY A 45 18.13 2.50 17.85
C GLY A 45 18.89 2.81 16.57
N MET A 46 18.15 3.05 15.48
CA MET A 46 18.77 3.40 14.21
C MET A 46 18.82 4.91 14.03
N GLY A 47 18.28 5.65 15.01
CA GLY A 47 18.35 7.09 14.99
C GLY A 47 17.22 7.83 14.29
N ALA A 48 16.13 7.12 14.01
CA ALA A 48 14.98 7.75 13.37
C ALA A 48 14.27 8.69 14.35
N THR A 49 13.94 9.89 13.88
CA THR A 49 13.23 10.88 14.68
C THR A 49 11.84 11.16 14.15
N LEU A 50 11.10 12.03 14.85
CA LEU A 50 9.77 12.45 14.42
C LEU A 50 9.78 13.14 13.06
N LEU A 51 10.86 13.84 12.74
CA LEU A 51 10.99 14.50 11.45
C LEU A 51 10.97 13.49 10.31
N ASP A 52 11.70 12.38 10.49
CA ASP A 52 11.71 11.32 9.49
C ASP A 52 10.31 10.77 9.29
N VAL A 53 9.57 10.63 10.38
CA VAL A 53 8.22 10.10 10.35
C VAL A 53 7.23 11.00 9.62
N ILE A 54 7.26 12.29 9.94
CA ILE A 54 6.22 13.23 9.51
C ILE A 54 6.58 14.10 8.31
N GLN A 55 7.84 14.08 7.91
CA GLN A 55 8.35 15.04 6.93
C GLN A 55 7.57 15.00 5.62
N SER A 56 7.13 13.82 5.22
CA SER A 56 6.43 13.66 3.95
C SER A 56 5.08 14.37 4.01
N GLY A 57 4.45 14.32 5.18
CA GLY A 57 3.17 14.97 5.39
C GLY A 57 3.27 16.48 5.58
N VAL A 58 4.40 16.93 6.11
CA VAL A 58 4.63 18.37 6.27
C VAL A 58 4.83 19.04 4.93
N GLU A 59 5.59 18.40 4.05
CA GLU A 59 5.94 19.00 2.76
C GLU A 59 4.80 18.87 1.76
N ASN A 60 4.07 17.76 1.86
CA ASN A 60 2.97 17.48 0.95
C ASN A 60 1.64 17.56 1.71
N LEU A 61 1.08 18.77 1.78
CA LEU A 61 -0.11 19.00 2.60
C LEU A 61 -1.34 18.30 2.03
N ASP A 62 -1.25 17.88 0.78
CA ASP A 62 -2.34 17.14 0.14
C ASP A 62 -2.32 15.65 0.50
N SER A 63 -1.36 15.25 1.33
CA SER A 63 -1.30 13.88 1.82
C SER A 63 -2.64 13.50 2.44
N GLY A 64 -3.03 12.25 2.30
CA GLY A 64 -4.19 11.74 3.03
C GLY A 64 -3.80 11.32 4.43
N VAL A 65 -2.57 10.83 4.58
CA VAL A 65 -2.09 10.31 5.85
C VAL A 65 -0.90 11.11 6.38
N GLY A 66 0.21 11.07 5.66
CA GLY A 66 1.33 11.96 5.91
C GLY A 66 2.49 11.41 6.72
N ILE A 67 2.42 10.16 7.12
CA ILE A 67 3.51 9.57 7.91
C ILE A 67 3.95 8.20 7.42
N TYR A 68 5.18 7.84 7.76
CA TYR A 68 5.72 6.52 7.45
C TYR A 68 6.57 6.08 8.64
N ALA A 69 6.82 4.77 8.75
CA ALA A 69 7.70 4.24 9.78
C ALA A 69 9.08 4.00 9.17
N PRO A 70 10.11 4.71 9.66
CA PRO A 70 11.48 4.50 9.18
C PRO A 70 12.04 3.14 9.58
N ASP A 71 11.62 2.66 10.74
CA ASP A 71 11.98 1.33 11.24
C ASP A 71 10.80 0.80 12.03
N ALA A 72 10.86 -0.46 12.43
CA ALA A 72 9.73 -1.07 13.14
C ALA A 72 9.46 -0.38 14.47
N GLU A 73 10.52 -0.02 15.18
CA GLU A 73 10.41 0.60 16.49
C GLU A 73 9.59 1.89 16.43
N SER A 74 9.74 2.62 15.33
CA SER A 74 9.05 3.90 15.16
C SER A 74 7.56 3.81 15.46
N TYR A 75 6.94 2.68 15.14
CA TYR A 75 5.51 2.52 15.37
C TYR A 75 5.14 2.63 16.84
N ARG A 76 6.09 2.29 17.71
CA ARG A 76 5.88 2.41 19.15
C ARG A 76 6.54 3.63 19.79
N THR A 77 7.77 3.92 19.38
CA THR A 77 8.47 5.09 19.89
C THR A 77 7.58 6.31 19.67
N PHE A 78 6.95 6.35 18.50
CA PHE A 78 6.07 7.45 18.13
C PHE A 78 4.60 7.00 18.14
N GLY A 79 4.30 6.04 19.01
CA GLY A 79 2.95 5.53 19.17
C GLY A 79 1.85 6.57 19.28
N PRO A 80 2.07 7.61 20.09
CA PRO A 80 1.02 8.63 20.29
C PRO A 80 0.56 9.30 19.00
N LEU A 81 1.38 9.24 17.95
CA LEU A 81 0.96 9.75 16.64
C LEU A 81 0.41 8.63 15.76
N PHE A 82 1.12 7.51 15.72
CA PHE A 82 0.69 6.38 14.89
C PHE A 82 -0.64 5.78 15.33
N ASP A 83 -0.81 5.60 16.64
CA ASP A 83 -1.97 4.87 17.16
C ASP A 83 -3.31 5.49 16.78
N PRO A 84 -3.48 6.80 16.98
CA PRO A 84 -4.76 7.41 16.65
C PRO A 84 -5.00 7.46 15.13
N ILE A 85 -3.91 7.62 14.38
CA ILE A 85 -4.00 7.67 12.92
C ILE A 85 -4.37 6.31 12.36
N ILE A 86 -3.78 5.26 12.92
CA ILE A 86 -4.08 3.89 12.53
C ILE A 86 -5.52 3.54 12.86
N ASP A 87 -5.95 3.90 14.08
CA ASP A 87 -7.31 3.66 14.52
C ASP A 87 -8.28 4.33 13.58
N ASP A 88 -7.95 5.55 13.17
CA ASP A 88 -8.79 6.34 12.30
C ASP A 88 -8.87 5.73 10.89
N TYR A 89 -7.72 5.48 10.28
CA TYR A 89 -7.67 5.02 8.90
C TYR A 89 -8.39 3.68 8.71
N HIS A 90 -8.12 2.72 9.60
CA HIS A 90 -8.60 1.36 9.42
C HIS A 90 -10.02 1.11 9.93
N GLY A 91 -10.71 2.18 10.31
CA GLY A 91 -12.13 2.10 10.66
C GLY A 91 -12.39 1.46 12.01
N GLY A 92 -11.46 1.64 12.93
CA GLY A 92 -11.61 1.19 14.30
C GLY A 92 -10.55 0.17 14.66
N PHE A 93 -9.59 0.59 15.49
CA PHE A 93 -8.55 -0.31 15.96
C PHE A 93 -7.94 0.32 17.21
N LYS A 94 -8.37 -0.14 18.38
CA LYS A 94 -8.01 0.49 19.65
C LYS A 94 -6.59 0.15 20.09
N LEU A 95 -6.10 0.90 21.07
CA LEU A 95 -4.76 0.73 21.59
C LEU A 95 -4.58 -0.71 22.08
N THR A 96 -5.67 -1.27 22.60
CA THR A 96 -5.64 -2.60 23.21
C THR A 96 -5.97 -3.71 22.22
N ASP A 97 -6.24 -3.34 20.96
CA ASP A 97 -6.61 -4.32 19.94
C ASP A 97 -5.39 -5.02 19.36
N LYS A 98 -5.62 -6.23 18.83
CA LYS A 98 -4.56 -6.98 18.16
C LYS A 98 -5.09 -7.51 16.82
N HIS A 99 -4.29 -7.39 15.77
CA HIS A 99 -4.67 -7.93 14.46
C HIS A 99 -4.81 -9.44 14.52
N PRO A 100 -5.84 -9.98 13.84
CA PRO A 100 -6.11 -11.43 13.87
C PRO A 100 -5.08 -12.23 13.06
N PRO A 101 -5.01 -13.54 13.31
CA PRO A 101 -4.14 -14.45 12.57
C PRO A 101 -4.44 -14.49 11.07
N LYS A 102 -3.40 -14.78 10.28
CA LYS A 102 -3.54 -14.92 8.83
C LYS A 102 -4.63 -15.93 8.51
N GLN A 103 -5.53 -15.57 7.60
N GLN A 103 -5.53 -15.57 7.60
CA GLN A 103 -6.62 -16.46 7.20
CA GLN A 103 -6.62 -16.45 7.21
C GLN A 103 -7.18 -16.10 5.84
C GLN A 103 -7.16 -16.08 5.83
N TRP A 104 -6.84 -16.89 4.83
CA TRP A 104 -7.25 -16.62 3.46
C TRP A 104 -8.76 -16.86 3.28
N GLY A 105 -9.32 -17.75 4.10
CA GLY A 105 -10.74 -18.08 4.03
C GLY A 105 -11.08 -19.08 2.95
N ASP A 106 -12.37 -19.28 2.70
CA ASP A 106 -12.82 -20.25 1.72
C ASP A 106 -12.92 -19.56 0.36
N ILE A 107 -11.91 -19.80 -0.48
CA ILE A 107 -11.79 -19.12 -1.76
C ILE A 107 -12.93 -19.44 -2.73
N ASN A 108 -13.52 -20.61 -2.56
CA ASN A 108 -14.61 -21.07 -3.43
C ASN A 108 -15.91 -20.30 -3.25
N THR A 109 -15.98 -19.44 -2.24
CA THR A 109 -17.17 -18.60 -2.02
C THR A 109 -17.14 -17.27 -2.75
N LEU A 110 -16.03 -16.96 -3.41
CA LEU A 110 -15.91 -15.74 -4.21
C LEU A 110 -16.55 -15.94 -5.58
N VAL A 111 -17.12 -14.87 -6.13
CA VAL A 111 -17.87 -14.96 -7.37
C VAL A 111 -17.29 -14.05 -8.46
N GLY A 112 -17.81 -14.17 -9.67
CA GLY A 112 -17.52 -13.26 -10.75
C GLY A 112 -18.16 -11.90 -10.54
N LEU A 113 -17.35 -10.85 -10.58
CA LEU A 113 -17.79 -9.54 -10.14
C LEU A 113 -18.67 -8.81 -11.16
N ASP A 114 -18.56 -9.20 -12.42
CA ASP A 114 -19.30 -8.49 -13.47
C ASP A 114 -19.45 -9.36 -14.72
N PRO A 115 -20.31 -10.37 -14.66
CA PRO A 115 -20.44 -11.39 -15.71
C PRO A 115 -20.71 -10.83 -17.09
N ALA A 116 -21.55 -9.79 -17.19
CA ALA A 116 -21.89 -9.25 -18.50
C ALA A 116 -20.75 -8.41 -19.09
N GLY A 117 -19.75 -8.09 -18.26
CA GLY A 117 -18.53 -7.49 -18.75
C GLY A 117 -18.60 -6.02 -19.18
N GLN A 118 -19.64 -5.31 -18.76
CA GLN A 118 -19.84 -3.93 -19.21
C GLN A 118 -19.26 -2.87 -18.27
N PHE A 119 -18.84 -3.26 -17.08
CA PHE A 119 -18.36 -2.28 -16.12
C PHE A 119 -16.89 -2.49 -15.73
N ILE A 120 -16.51 -3.72 -15.42
CA ILE A 120 -15.17 -3.98 -14.92
C ILE A 120 -14.18 -4.27 -16.04
N ILE A 121 -13.03 -3.61 -15.98
CA ILE A 121 -11.97 -3.80 -16.95
C ILE A 121 -10.96 -4.87 -16.52
N SER A 122 -10.55 -4.81 -15.26
CA SER A 122 -9.51 -5.70 -14.74
C SER A 122 -9.56 -5.78 -13.22
N THR A 123 -9.00 -6.87 -12.68
CA THR A 123 -9.02 -7.09 -11.24
C THR A 123 -7.62 -7.39 -10.73
N ARG A 124 -7.33 -6.89 -9.54
CA ARG A 124 -5.96 -6.98 -9.00
C ARG A 124 -6.01 -7.15 -7.49
N VAL A 125 -5.17 -8.02 -6.97
CA VAL A 125 -4.96 -8.11 -5.53
C VAL A 125 -3.48 -8.10 -5.20
N ARG A 126 -3.08 -7.24 -4.28
CA ARG A 126 -1.68 -7.21 -3.84
C ARG A 126 -1.52 -7.37 -2.34
N CYS A 127 -0.36 -7.87 -1.93
CA CYS A 127 0.07 -7.82 -0.55
C CYS A 127 1.49 -7.26 -0.49
N GLY A 128 1.91 -6.90 0.71
CA GLY A 128 3.27 -6.41 0.90
C GLY A 128 3.93 -7.19 2.01
N ARG A 129 5.26 -7.27 1.97
CA ARG A 129 6.03 -7.97 2.99
C ARG A 129 7.35 -7.29 3.22
N SER A 130 7.86 -7.36 4.45
CA SER A 130 9.18 -6.85 4.76
C SER A 130 10.08 -7.99 5.20
N LEU A 131 11.34 -7.95 4.76
CA LEU A 131 12.30 -9.01 5.09
C LEU A 131 12.84 -8.78 6.50
N GLN A 132 12.84 -9.84 7.30
CA GLN A 132 13.41 -9.80 8.64
C GLN A 132 14.89 -9.44 8.60
N GLY A 133 15.29 -8.53 9.49
CA GLY A 133 16.67 -8.10 9.59
C GLY A 133 16.95 -6.85 8.79
N TYR A 134 15.96 -6.38 8.04
CA TYR A 134 16.10 -5.15 7.28
C TYR A 134 15.07 -4.11 7.73
N PRO A 135 15.52 -2.87 7.96
CA PRO A 135 14.61 -1.77 8.29
C PRO A 135 13.89 -1.28 7.04
N PHE A 136 12.99 -0.31 7.18
CA PHE A 136 12.29 0.24 6.04
C PHE A 136 13.18 1.20 5.23
N ASN A 137 12.70 1.60 4.06
CA ASN A 137 13.50 2.31 3.08
C ASN A 137 14.47 3.37 3.63
N PRO A 138 13.98 4.27 4.51
CA PRO A 138 14.84 5.40 4.90
C PRO A 138 16.08 5.01 5.72
N CYS A 139 16.11 3.78 6.24
CA CYS A 139 17.22 3.31 7.06
C CYS A 139 18.16 2.34 6.31
N LEU A 140 17.85 2.05 5.06
CA LEU A 140 18.66 1.15 4.25
C LEU A 140 19.89 1.83 3.63
N THR A 141 20.98 1.08 3.52
CA THR A 141 22.13 1.53 2.74
C THR A 141 22.01 1.02 1.32
N ALA A 142 22.82 1.59 0.42
CA ALA A 142 22.87 1.13 -0.96
C ALA A 142 23.18 -0.36 -1.03
N GLU A 143 24.15 -0.80 -0.23
CA GLU A 143 24.58 -2.19 -0.24
C GLU A 143 23.43 -3.12 0.17
N GLN A 144 22.63 -2.68 1.13
CA GLN A 144 21.47 -3.44 1.59
C GLN A 144 20.40 -3.59 0.49
N TYR A 145 20.14 -2.52 -0.27
CA TYR A 145 19.26 -2.64 -1.40
C TYR A 145 19.71 -3.77 -2.33
N LYS A 146 21.02 -3.84 -2.57
CA LYS A 146 21.59 -4.86 -3.45
C LYS A 146 21.47 -6.26 -2.84
N GLU A 147 21.70 -6.36 -1.53
CA GLU A 147 21.62 -7.65 -0.84
C GLU A 147 20.20 -8.20 -0.93
N MET A 148 19.22 -7.35 -0.65
CA MET A 148 17.82 -7.75 -0.66
C MET A 148 17.40 -8.18 -2.06
N GLU A 149 17.80 -7.39 -3.05
CA GLU A 149 17.50 -7.72 -4.43
C GLU A 149 18.02 -9.13 -4.76
N GLU A 150 19.24 -9.44 -4.33
CA GLU A 150 19.83 -10.75 -4.59
C GLU A 150 18.99 -11.84 -3.94
N LYS A 151 18.64 -11.64 -2.67
CA LYS A 151 17.89 -12.64 -1.92
C LYS A 151 16.54 -12.92 -2.57
N VAL A 152 15.84 -11.86 -2.94
CA VAL A 152 14.49 -12.00 -3.50
C VAL A 152 14.52 -12.59 -4.90
N SER A 153 15.42 -12.09 -5.75
CA SER A 153 15.50 -12.58 -7.12
C SER A 153 15.90 -14.06 -7.17
N SER A 154 16.84 -14.45 -6.32
CA SER A 154 17.26 -15.84 -6.26
C SER A 154 16.12 -16.74 -5.81
N THR A 155 15.35 -16.28 -4.83
CA THR A 155 14.21 -17.04 -4.34
C THR A 155 13.17 -17.25 -5.44
N LEU A 156 12.89 -16.20 -6.22
CA LEU A 156 11.83 -16.27 -7.21
C LEU A 156 12.20 -17.11 -8.43
N SER A 157 13.51 -17.36 -8.62
CA SER A 157 13.97 -18.28 -9.66
C SER A 157 13.51 -19.71 -9.41
N SER A 158 13.04 -19.99 -8.20
CA SER A 158 12.59 -21.32 -7.83
C SER A 158 11.08 -21.50 -8.03
N MET A 159 10.40 -20.46 -8.49
CA MET A 159 8.96 -20.55 -8.74
C MET A 159 8.71 -21.50 -9.92
N GLU A 160 7.59 -22.21 -9.87
CA GLU A 160 7.30 -23.24 -10.86
C GLU A 160 5.93 -23.01 -11.47
N ASP A 161 5.67 -23.72 -12.56
CA ASP A 161 4.36 -23.73 -13.20
C ASP A 161 3.87 -22.34 -13.59
N GLU A 162 2.64 -22.01 -13.19
CA GLU A 162 2.04 -20.73 -13.55
C GLU A 162 2.92 -19.57 -13.06
N LEU A 163 3.61 -19.79 -11.94
CA LEU A 163 4.32 -18.71 -11.25
C LEU A 163 5.77 -18.55 -11.71
N LYS A 164 6.28 -19.53 -12.46
CA LYS A 164 7.64 -19.45 -12.99
C LYS A 164 7.82 -18.17 -13.82
N GLY A 165 8.96 -17.51 -13.68
CA GLY A 165 9.18 -16.25 -14.37
C GLY A 165 10.61 -15.73 -14.33
N THR A 166 10.77 -14.45 -14.68
CA THR A 166 12.08 -13.84 -14.83
C THR A 166 12.17 -12.53 -14.03
N TYR A 167 13.31 -12.29 -13.39
CA TYR A 167 13.54 -11.01 -12.72
C TYR A 167 14.17 -9.97 -13.64
N TYR A 168 13.57 -8.78 -13.67
CA TYR A 168 14.07 -7.67 -14.47
C TYR A 168 14.48 -6.48 -13.60
N PRO A 169 15.80 -6.28 -13.42
CA PRO A 169 16.27 -5.12 -12.67
C PRO A 169 15.91 -3.83 -13.38
N LEU A 170 15.69 -2.76 -12.64
CA LEU A 170 15.47 -1.47 -13.26
C LEU A 170 16.78 -0.97 -13.85
N THR A 171 17.89 -1.32 -13.20
CA THR A 171 19.20 -1.02 -13.74
C THR A 171 19.38 -1.86 -15.00
N GLY A 172 19.60 -1.18 -16.12
CA GLY A 172 19.77 -1.85 -17.40
C GLY A 172 18.47 -1.98 -18.16
N MET A 173 17.35 -1.71 -17.50
CA MET A 173 16.06 -1.76 -18.19
C MET A 173 15.97 -0.55 -19.10
N SER A 174 15.54 -0.76 -20.33
CA SER A 174 15.42 0.34 -21.28
C SER A 174 14.31 1.29 -20.85
N LYS A 175 14.45 2.58 -21.18
CA LYS A 175 13.44 3.57 -20.85
C LYS A 175 12.10 3.24 -21.52
N ALA A 176 12.17 2.75 -22.75
CA ALA A 176 10.96 2.43 -23.50
C ALA A 176 10.21 1.28 -22.83
N THR A 177 10.95 0.28 -22.35
CA THR A 177 10.35 -0.86 -21.70
C THR A 177 9.73 -0.47 -20.36
N GLN A 178 10.45 0.32 -19.59
CA GLN A 178 9.97 0.80 -18.30
C GLN A 178 8.66 1.58 -18.42
N GLN A 179 8.62 2.54 -19.33
CA GLN A 179 7.40 3.32 -19.53
C GLN A 179 6.18 2.52 -19.97
N GLN A 180 6.38 1.49 -20.80
CA GLN A 180 5.26 0.67 -21.22
C GLN A 180 4.73 -0.16 -20.05
N LEU A 181 5.64 -0.69 -19.24
CA LEU A 181 5.26 -1.49 -18.09
C LEU A 181 4.50 -0.65 -17.07
N ILE A 182 4.86 0.62 -16.96
CA ILE A 182 4.14 1.52 -16.05
C ILE A 182 2.79 1.92 -16.64
N ASP A 183 2.79 2.26 -17.92
CA ASP A 183 1.57 2.66 -18.61
C ASP A 183 0.53 1.53 -18.62
N ASP A 184 1.00 0.29 -18.72
CA ASP A 184 0.11 -0.87 -18.73
C ASP A 184 -0.27 -1.34 -17.34
N HIS A 185 0.14 -0.58 -16.32
CA HIS A 185 -0.30 -0.79 -14.95
C HIS A 185 0.39 -1.96 -14.25
N PHE A 186 1.53 -2.39 -14.78
CA PHE A 186 2.28 -3.50 -14.20
C PHE A 186 3.42 -3.07 -13.26
N LEU A 187 4.18 -2.07 -13.68
CA LEU A 187 5.37 -1.68 -12.92
C LEU A 187 5.08 -0.43 -12.11
N PHE A 188 5.69 -0.35 -10.93
CA PHE A 188 5.55 0.84 -10.10
C PHE A 188 6.13 2.05 -10.82
N LYS A 189 5.54 3.22 -10.58
CA LYS A 189 6.05 4.44 -11.17
C LYS A 189 7.38 4.86 -10.55
N GLU A 190 8.12 5.66 -11.31
CA GLU A 190 9.37 6.25 -10.84
C GLU A 190 9.07 7.68 -10.41
N GLY A 191 9.66 8.14 -9.30
CA GLY A 191 9.55 9.52 -8.89
C GLY A 191 8.26 9.99 -8.19
N ASP A 192 7.91 9.38 -7.06
CA ASP A 192 6.74 9.74 -6.26
C ASP A 192 7.06 10.77 -5.16
N ARG A 193 6.44 11.95 -5.19
CA ARG A 193 6.82 13.02 -4.26
C ARG A 193 6.58 12.68 -2.79
N PHE A 194 5.57 11.87 -2.51
CA PHE A 194 5.26 11.50 -1.12
C PHE A 194 6.32 10.56 -0.56
N LEU A 195 6.75 9.60 -1.38
CA LEU A 195 7.80 8.66 -0.99
C LEU A 195 9.16 9.35 -0.96
N GLN A 196 9.38 10.21 -1.96
CA GLN A 196 10.66 10.91 -2.10
C GLN A 196 10.97 11.72 -0.86
N THR A 197 10.00 12.52 -0.41
CA THR A 197 10.22 13.41 0.72
C THR A 197 10.31 12.62 2.02
N ALA A 198 9.88 11.36 1.98
CA ALA A 198 10.08 10.46 3.11
C ALA A 198 11.46 9.80 3.03
N ASN A 199 12.27 10.22 2.06
CA ASN A 199 13.56 9.59 1.83
C ASN A 199 13.45 8.08 1.64
N ALA A 200 12.45 7.65 0.87
CA ALA A 200 12.23 6.23 0.62
C ALA A 200 12.84 5.77 -0.70
N CYS A 201 13.39 6.70 -1.48
CA CYS A 201 13.83 6.38 -2.82
C CYS A 201 15.33 6.61 -3.04
N ARG A 202 16.11 6.64 -1.95
CA ARG A 202 17.55 6.88 -2.09
C ARG A 202 18.22 5.80 -2.92
N TYR A 203 19.27 6.22 -3.64
CA TYR A 203 20.12 5.32 -4.41
C TYR A 203 19.41 4.75 -5.63
N TRP A 204 18.23 5.30 -5.92
CA TRP A 204 17.42 4.83 -7.03
C TRP A 204 18.29 4.87 -8.29
N PRO A 205 18.20 3.83 -9.14
CA PRO A 205 17.33 2.65 -9.11
C PRO A 205 18.01 1.42 -8.54
N THR A 206 19.10 1.61 -7.81
CA THR A 206 19.88 0.50 -7.28
C THR A 206 19.02 -0.44 -6.42
N GLY A 207 19.05 -1.72 -6.74
CA GLY A 207 18.30 -2.72 -5.99
C GLY A 207 16.83 -2.86 -6.33
N ARG A 208 16.32 -2.01 -7.20
CA ARG A 208 14.90 -2.02 -7.54
C ARG A 208 14.68 -2.83 -8.81
N GLY A 209 13.51 -3.45 -8.92
CA GLY A 209 13.15 -4.17 -10.13
C GLY A 209 11.80 -4.87 -10.00
N ILE A 210 11.46 -5.67 -11.00
CA ILE A 210 10.19 -6.38 -11.02
C ILE A 210 10.37 -7.79 -11.56
N PHE A 211 9.81 -8.76 -10.85
CA PHE A 211 9.70 -10.13 -11.34
C PHE A 211 8.29 -10.34 -11.86
N HIS A 212 8.16 -11.04 -12.98
CA HIS A 212 6.84 -11.47 -13.46
C HIS A 212 6.88 -12.72 -14.34
N ASN A 213 5.80 -13.48 -14.34
CA ASN A 213 5.64 -14.56 -15.30
C ASN A 213 5.39 -13.97 -16.67
N ASP A 214 5.51 -14.79 -17.72
CA ASP A 214 5.46 -14.25 -19.08
C ASP A 214 4.11 -13.62 -19.38
N ALA A 215 3.04 -14.17 -18.81
CA ALA A 215 1.71 -13.62 -19.05
C ALA A 215 1.47 -12.34 -18.24
N LYS A 216 2.33 -12.08 -17.26
CA LYS A 216 2.18 -10.89 -16.42
C LYS A 216 0.86 -10.88 -15.65
N THR A 217 0.50 -12.06 -15.14
CA THR A 217 -0.63 -12.20 -14.21
C THR A 217 -0.13 -12.35 -12.78
N PHE A 218 1.16 -12.64 -12.66
CA PHE A 218 1.81 -12.73 -11.35
C PHE A 218 3.07 -11.89 -11.38
N LEU A 219 3.16 -10.92 -10.48
CA LEU A 219 4.29 -9.99 -10.47
C LEU A 219 4.78 -9.76 -9.04
N VAL A 220 6.06 -9.44 -8.90
CA VAL A 220 6.59 -9.02 -7.62
C VAL A 220 7.44 -7.77 -7.80
N TRP A 221 7.10 -6.71 -7.08
CA TRP A 221 7.92 -5.52 -7.05
C TRP A 221 8.99 -5.67 -5.99
N VAL A 222 10.22 -5.34 -6.35
CA VAL A 222 11.32 -5.40 -5.41
C VAL A 222 11.80 -3.99 -5.08
N ASN A 223 11.73 -3.65 -3.79
CA ASN A 223 12.32 -2.43 -3.25
C ASN A 223 11.71 -1.10 -3.71
N GLU A 224 10.41 -1.07 -3.95
CA GLU A 224 9.72 0.20 -4.08
C GLU A 224 9.32 0.69 -2.68
N GLU A 225 8.03 0.86 -2.42
CA GLU A 225 7.59 1.36 -1.12
C GLU A 225 7.86 0.31 -0.03
N ASP A 226 7.60 -0.96 -0.33
CA ASP A 226 7.93 -2.05 0.59
C ASP A 226 8.99 -2.95 -0.03
N HIS A 227 9.62 -3.79 0.78
CA HIS A 227 10.66 -4.69 0.26
C HIS A 227 10.11 -5.56 -0.84
N LEU A 228 8.92 -6.11 -0.61
CA LEU A 228 8.20 -6.85 -1.64
C LEU A 228 6.75 -6.36 -1.74
N ARG A 229 6.25 -6.26 -2.96
CA ARG A 229 4.81 -6.26 -3.18
C ARG A 229 4.53 -7.43 -4.10
N ILE A 230 3.60 -8.27 -3.68
CA ILE A 230 3.30 -9.50 -4.39
C ILE A 230 1.93 -9.34 -5.03
N ILE A 231 1.88 -9.51 -6.35
CA ILE A 231 0.75 -9.03 -7.12
C ILE A 231 0.18 -10.12 -8.02
N SER A 232 -1.14 -10.24 -8.02
CA SER A 232 -1.83 -11.05 -9.00
C SER A 232 -2.87 -10.17 -9.68
N MET A 233 -2.95 -10.25 -11.00
CA MET A 233 -3.89 -9.42 -11.73
C MET A 233 -4.16 -9.97 -13.13
N GLN A 234 -5.33 -9.63 -13.66
CA GLN A 234 -5.70 -9.98 -15.02
C GLN A 234 -6.91 -9.17 -15.48
N LYS A 235 -7.15 -9.17 -16.79
CA LYS A 235 -8.36 -8.59 -17.34
C LYS A 235 -9.59 -9.33 -16.81
N GLY A 236 -10.74 -8.66 -16.82
CA GLY A 236 -11.98 -9.25 -16.36
C GLY A 236 -12.21 -9.24 -14.86
N GLY A 237 -13.25 -9.96 -14.44
CA GLY A 237 -13.74 -9.89 -13.08
C GLY A 237 -13.67 -11.19 -12.30
N ASP A 238 -12.78 -12.10 -12.72
CA ASP A 238 -12.69 -13.39 -12.07
C ASP A 238 -11.82 -13.24 -10.84
N LEU A 239 -12.42 -12.71 -9.78
CA LEU A 239 -11.72 -12.46 -8.53
C LEU A 239 -11.24 -13.75 -7.89
N LYS A 240 -12.05 -14.80 -7.98
CA LYS A 240 -11.70 -16.09 -7.40
C LYS A 240 -10.35 -16.58 -7.94
N THR A 241 -10.18 -16.57 -9.25
CA THR A 241 -8.92 -16.99 -9.85
C THR A 241 -7.76 -16.08 -9.45
N VAL A 242 -7.99 -14.77 -9.52
CA VAL A 242 -6.96 -13.79 -9.18
C VAL A 242 -6.48 -14.01 -7.75
N TYR A 243 -7.44 -14.15 -6.84
CA TYR A 243 -7.17 -14.33 -5.42
C TYR A 243 -6.47 -15.67 -5.16
N LYS A 244 -6.93 -16.72 -5.81
CA LYS A 244 -6.30 -18.04 -5.65
C LYS A 244 -4.83 -18.06 -6.05
N ARG A 245 -4.51 -17.35 -7.12
CA ARG A 245 -3.13 -17.29 -7.59
C ARG A 245 -2.25 -16.54 -6.60
N LEU A 246 -2.76 -15.44 -6.05
CA LEU A 246 -2.06 -14.71 -5.00
C LEU A 246 -1.79 -15.59 -3.78
N VAL A 247 -2.81 -16.33 -3.33
CA VAL A 247 -2.64 -17.21 -2.18
C VAL A 247 -1.53 -18.24 -2.44
N THR A 248 -1.62 -18.92 -3.56
CA THR A 248 -0.63 -19.93 -3.94
C THR A 248 0.79 -19.34 -3.89
N ALA A 249 0.95 -18.15 -4.45
CA ALA A 249 2.25 -17.50 -4.54
C ALA A 249 2.78 -17.14 -3.16
N VAL A 250 1.94 -16.50 -2.35
CA VAL A 250 2.36 -16.05 -1.03
C VAL A 250 2.71 -17.23 -0.12
N ASP A 251 1.91 -18.30 -0.18
CA ASP A 251 2.17 -19.49 0.64
C ASP A 251 3.52 -20.11 0.28
N ASN A 252 3.83 -20.14 -1.02
CA ASN A 252 5.08 -20.75 -1.46
C ASN A 252 6.29 -19.88 -1.09
N ILE A 253 6.17 -18.58 -1.33
CA ILE A 253 7.22 -17.62 -1.00
C ILE A 253 7.48 -17.51 0.50
N GLU A 254 6.41 -17.55 1.29
CA GLU A 254 6.50 -17.47 2.74
C GLU A 254 7.31 -18.63 3.32
N SER A 255 7.26 -19.78 2.68
CA SER A 255 8.00 -20.95 3.16
C SER A 255 9.50 -20.80 2.92
N LYS A 256 9.88 -19.82 2.12
CA LYS A 256 11.27 -19.67 1.68
C LYS A 256 11.96 -18.45 2.28
N LEU A 257 11.22 -17.36 2.45
CA LEU A 257 11.81 -16.11 2.93
C LEU A 257 11.16 -15.72 4.25
N PRO A 258 11.96 -15.25 5.22
CA PRO A 258 11.45 -14.84 6.52
C PRO A 258 10.90 -13.42 6.48
N PHE A 259 9.63 -13.24 6.79
CA PHE A 259 9.02 -11.92 6.77
C PHE A 259 8.66 -11.43 8.18
N SER A 260 8.70 -10.12 8.35
CA SER A 260 8.45 -9.50 9.65
C SER A 260 6.96 -9.53 9.97
N HIS A 261 6.64 -10.06 11.14
CA HIS A 261 5.25 -10.13 11.60
C HIS A 261 5.19 -9.67 13.05
N ASP A 262 4.13 -8.96 13.40
CA ASP A 262 4.04 -8.33 14.71
C ASP A 262 2.77 -8.86 15.38
N ASP A 263 2.88 -9.17 16.66
CA ASP A 263 1.75 -9.71 17.42
C ASP A 263 0.53 -8.80 17.37
N ARG A 264 0.78 -7.49 17.32
CA ARG A 264 -0.32 -6.53 17.29
C ARG A 264 -0.66 -6.04 15.89
N PHE A 265 0.36 -5.75 15.09
CA PHE A 265 0.15 -5.08 13.80
C PHE A 265 0.13 -6.03 12.60
N GLY A 266 0.22 -7.34 12.86
CA GLY A 266 0.25 -8.31 11.77
C GLY A 266 1.51 -8.11 10.96
N PHE A 267 1.42 -8.25 9.64
CA PHE A 267 2.61 -8.10 8.81
C PHE A 267 3.01 -6.63 8.74
N LEU A 268 4.29 -6.36 8.96
CA LEU A 268 4.78 -4.99 9.01
C LEU A 268 5.06 -4.41 7.63
N THR A 269 4.76 -3.13 7.47
CA THR A 269 4.97 -2.41 6.22
C THR A 269 5.46 -0.99 6.50
N PHE A 270 5.90 -0.30 5.46
CA PHE A 270 6.50 1.02 5.57
C PHE A 270 5.44 2.07 5.89
N CYS A 271 4.25 1.95 5.28
CA CYS A 271 3.14 2.85 5.58
C CYS A 271 2.16 2.17 6.54
N PRO A 272 1.64 2.93 7.52
CA PRO A 272 0.67 2.38 8.48
C PRO A 272 -0.64 1.94 7.84
N THR A 273 -0.96 2.43 6.65
CA THR A 273 -2.17 2.01 5.96
C THR A 273 -2.08 0.57 5.45
N ASN A 274 -0.87 0.03 5.41
CA ASN A 274 -0.64 -1.28 4.79
C ASN A 274 -0.39 -2.40 5.80
N LEU A 275 -0.58 -2.11 7.08
CA LEU A 275 -0.34 -3.09 8.11
C LEU A 275 -1.36 -4.23 8.03
N GLY A 276 -1.14 -5.29 8.80
CA GLY A 276 -2.16 -6.28 9.05
C GLY A 276 -2.20 -7.36 7.98
N THR A 277 -3.21 -7.31 7.13
CA THR A 277 -3.31 -8.20 5.98
C THR A 277 -2.41 -7.68 4.85
N THR A 278 -2.12 -6.39 4.89
CA THR A 278 -1.37 -5.69 3.83
C THR A 278 -2.05 -5.75 2.46
N MET A 279 -3.33 -6.10 2.46
CA MET A 279 -4.00 -6.47 1.21
C MET A 279 -4.79 -5.33 0.61
N ARG A 280 -4.57 -5.09 -0.68
CA ARG A 280 -5.41 -4.14 -1.42
C ARG A 280 -5.94 -4.83 -2.66
N ALA A 281 -7.24 -5.14 -2.63
CA ALA A 281 -7.93 -5.78 -3.73
C ALA A 281 -8.72 -4.69 -4.45
N SER A 282 -8.50 -4.57 -5.76
CA SER A 282 -9.07 -3.45 -6.49
C SER A 282 -9.61 -3.90 -7.83
N VAL A 283 -10.51 -3.08 -8.38
CA VAL A 283 -10.91 -3.20 -9.76
C VAL A 283 -10.64 -1.89 -10.50
N HIS A 284 -10.39 -2.00 -11.80
CA HIS A 284 -10.54 -0.86 -12.68
C HIS A 284 -11.94 -0.98 -13.29
N ILE A 285 -12.78 0.01 -13.03
CA ILE A 285 -14.20 -0.09 -13.30
C ILE A 285 -14.76 1.21 -13.86
N GLN A 286 -15.73 1.10 -14.76
CA GLN A 286 -16.47 2.27 -15.22
C GLN A 286 -17.90 2.26 -14.68
N LEU A 287 -18.31 3.40 -14.14
CA LEU A 287 -19.64 3.55 -13.56
C LEU A 287 -20.13 4.95 -13.89
N PRO A 288 -20.45 5.18 -15.18
CA PRO A 288 -20.70 6.54 -15.70
C PRO A 288 -21.83 7.27 -14.99
N LYS A 289 -22.90 6.56 -14.63
CA LYS A 289 -24.02 7.22 -13.97
C LYS A 289 -23.70 7.62 -12.52
N LEU A 290 -23.09 6.71 -11.78
CA LEU A 290 -22.73 6.99 -10.39
C LEU A 290 -21.54 7.95 -10.25
N ALA A 291 -20.66 7.95 -11.24
CA ALA A 291 -19.45 8.79 -11.19
C ALA A 291 -19.60 10.20 -11.77
N LYS A 292 -20.83 10.60 -12.07
CA LYS A 292 -21.10 11.94 -12.61
C LYS A 292 -20.53 13.05 -11.72
N ASP A 293 -19.79 12.67 -10.70
CA ASP A 293 -19.01 13.60 -9.89
C ASP A 293 -18.17 12.77 -8.92
N ARG A 294 -16.87 12.71 -9.15
CA ARG A 294 -16.04 11.79 -8.38
C ARG A 294 -16.23 12.03 -6.89
N LYS A 295 -16.76 13.18 -6.51
CA LYS A 295 -16.98 13.43 -5.09
C LYS A 295 -18.23 12.67 -4.62
N VAL A 296 -19.21 12.51 -5.49
CA VAL A 296 -20.38 11.66 -5.24
C VAL A 296 -20.01 10.17 -5.20
N LEU A 297 -19.16 9.77 -6.14
CA LEU A 297 -18.67 8.40 -6.23
C LEU A 297 -17.98 8.05 -4.91
N GLU A 298 -17.07 8.93 -4.48
CA GLU A 298 -16.31 8.72 -3.26
C GLU A 298 -17.21 8.63 -2.01
N ASP A 299 -18.31 9.37 -2.00
CA ASP A 299 -19.22 9.34 -0.84
C ASP A 299 -19.94 7.99 -0.78
N ILE A 300 -20.33 7.47 -1.94
CA ILE A 300 -20.98 6.18 -2.01
C ILE A 300 -20.02 5.04 -1.61
N ALA A 301 -18.82 5.08 -2.15
CA ALA A 301 -17.79 4.07 -1.89
C ALA A 301 -17.42 3.97 -0.42
N SER A 302 -17.31 5.11 0.25
CA SER A 302 -16.88 5.16 1.64
C SER A 302 -17.83 4.39 2.54
N LYS A 303 -19.12 4.38 2.20
CA LYS A 303 -20.10 3.70 3.03
C LYS A 303 -19.94 2.19 2.93
N PHE A 304 -19.26 1.75 1.86
CA PHE A 304 -18.95 0.35 1.67
C PHE A 304 -17.51 0.07 2.10
N ASN A 305 -16.90 1.04 2.79
CA ASN A 305 -15.51 0.94 3.24
C ASN A 305 -14.53 0.78 2.07
N LEU A 306 -14.83 1.41 0.95
CA LEU A 306 -13.96 1.39 -0.22
C LEU A 306 -13.30 2.73 -0.47
N GLN A 307 -12.15 2.70 -1.15
CA GLN A 307 -11.40 3.89 -1.50
C GLN A 307 -11.36 4.07 -3.02
N VAL A 308 -11.42 5.31 -3.48
CA VAL A 308 -11.35 5.59 -4.91
C VAL A 308 -10.02 6.25 -5.28
N ARG A 309 -9.35 5.69 -6.29
CA ARG A 309 -8.10 6.22 -6.81
C ARG A 309 -8.22 6.43 -8.33
N GLY A 310 -7.31 7.22 -8.88
CA GLY A 310 -7.27 7.44 -10.32
C GLY A 310 -6.72 6.26 -11.08
N THR A 311 -6.72 6.35 -12.41
CA THR A 311 -6.33 5.23 -13.25
C THR A 311 -4.86 4.82 -13.13
N ARG A 312 -4.00 5.80 -12.87
CA ARG A 312 -2.57 5.54 -12.74
C ARG A 312 -2.14 5.36 -11.27
N GLY A 313 -3.13 5.23 -10.40
CA GLY A 313 -2.90 4.98 -8.99
C GLY A 313 -3.36 6.12 -8.10
N GLU A 314 -3.04 6.05 -6.81
CA GLU A 314 -3.38 7.12 -5.89
C GLU A 314 -2.83 8.47 -6.35
N HIS A 315 -3.54 9.55 -6.01
CA HIS A 315 -3.08 10.91 -6.34
C HIS A 315 -3.02 11.17 -7.83
N THR A 316 -3.82 10.44 -8.59
CA THR A 316 -3.96 10.67 -10.02
C THR A 316 -5.44 10.80 -10.34
N GLU A 317 -5.74 11.36 -11.50
CA GLU A 317 -7.13 11.52 -11.93
C GLU A 317 -7.64 10.29 -12.65
N SER A 318 -8.96 10.14 -12.71
CA SER A 318 -9.56 9.17 -13.62
C SER A 318 -9.35 9.57 -15.07
N GLU A 319 -9.07 8.59 -15.92
CA GLU A 319 -8.97 8.82 -17.34
C GLU A 319 -10.02 7.98 -18.07
N GLY A 320 -10.80 8.62 -18.93
CA GLY A 320 -11.78 7.92 -19.73
C GLY A 320 -12.83 7.23 -18.87
N GLY A 321 -13.12 7.81 -17.71
CA GLY A 321 -14.10 7.27 -16.81
C GLY A 321 -13.68 6.02 -16.05
N VAL A 322 -12.39 5.70 -16.05
CA VAL A 322 -11.94 4.48 -15.40
C VAL A 322 -11.39 4.79 -14.01
N TYR A 323 -12.05 4.24 -12.99
CA TYR A 323 -11.62 4.44 -11.61
C TYR A 323 -11.03 3.17 -11.01
N ASP A 324 -10.09 3.36 -10.08
CA ASP A 324 -9.56 2.29 -9.26
C ASP A 324 -10.32 2.29 -7.94
N ILE A 325 -11.07 1.22 -7.67
CA ILE A 325 -11.83 1.11 -6.43
C ILE A 325 -11.43 -0.14 -5.65
N SER A 326 -11.15 0.02 -4.36
CA SER A 326 -10.57 -1.06 -3.57
C SER A 326 -11.00 -0.99 -2.11
N ASN A 327 -10.82 -2.09 -1.39
CA ASN A 327 -10.98 -2.06 0.07
C ASN A 327 -9.98 -1.06 0.67
N LYS A 328 -10.47 -0.22 1.58
CA LYS A 328 -9.62 0.73 2.29
C LYS A 328 -8.90 0.12 3.48
N ARG A 329 -9.59 -0.75 4.21
CA ARG A 329 -9.11 -1.30 5.47
C ARG A 329 -8.20 -2.51 5.25
N ARG A 330 -7.12 -2.60 6.02
CA ARG A 330 -6.18 -3.71 5.89
C ARG A 330 -5.84 -4.33 7.25
N LEU A 331 -6.03 -3.58 8.31
CA LEU A 331 -5.64 -4.02 9.65
C LEU A 331 -6.89 -4.20 10.52
N GLY A 332 -6.89 -5.24 11.35
CA GLY A 332 -8.01 -5.57 12.22
C GLY A 332 -9.12 -6.36 11.54
N LEU A 333 -8.80 -6.96 10.41
CA LEU A 333 -9.70 -7.87 9.72
C LEU A 333 -8.85 -8.89 8.96
N THR A 334 -9.39 -10.07 8.71
CA THR A 334 -8.64 -11.11 8.01
C THR A 334 -8.51 -10.82 6.52
N GLU A 335 -7.61 -11.54 5.86
CA GLU A 335 -7.48 -11.47 4.41
C GLU A 335 -8.83 -11.74 3.75
N TYR A 336 -9.51 -12.78 4.22
CA TYR A 336 -10.82 -13.11 3.67
C TYR A 336 -11.78 -11.94 3.81
N GLN A 337 -11.83 -11.35 5.00
CA GLN A 337 -12.73 -10.22 5.25
C GLN A 337 -12.40 -9.01 4.40
N ALA A 338 -11.11 -8.77 4.18
CA ALA A 338 -10.66 -7.63 3.37
C ALA A 338 -11.09 -7.78 1.93
N VAL A 339 -10.85 -8.95 1.35
CA VAL A 339 -11.20 -9.20 -0.05
C VAL A 339 -12.71 -9.24 -0.25
N ARG A 340 -13.44 -9.74 0.75
CA ARG A 340 -14.89 -9.75 0.67
C ARG A 340 -15.52 -8.36 0.72
N GLU A 341 -14.91 -7.42 1.45
CA GLU A 341 -15.44 -6.06 1.43
C GLU A 341 -15.39 -5.45 0.04
N MET A 342 -14.31 -5.70 -0.71
CA MET A 342 -14.26 -5.22 -2.08
C MET A 342 -15.32 -5.92 -2.93
N GLN A 343 -15.36 -7.25 -2.85
CA GLN A 343 -16.34 -7.99 -3.64
C GLN A 343 -17.75 -7.48 -3.35
N ASP A 344 -18.10 -7.42 -2.07
CA ASP A 344 -19.47 -7.10 -1.67
C ASP A 344 -19.83 -5.67 -2.11
N GLY A 345 -18.89 -4.76 -1.92
CA GLY A 345 -19.11 -3.36 -2.25
C GLY A 345 -19.24 -3.16 -3.75
N ILE A 346 -18.37 -3.81 -4.51
CA ILE A 346 -18.37 -3.66 -5.96
C ILE A 346 -19.63 -4.26 -6.60
N LEU A 347 -20.08 -5.40 -6.10
CA LEU A 347 -21.31 -6.01 -6.61
C LEU A 347 -22.51 -5.11 -6.41
N GLU A 348 -22.59 -4.45 -5.25
CA GLU A 348 -23.71 -3.58 -4.95
C GLU A 348 -23.65 -2.25 -5.71
N MET A 349 -22.46 -1.69 -5.88
CA MET A 349 -22.30 -0.45 -6.64
C MET A 349 -22.71 -0.67 -8.09
N ILE A 350 -22.41 -1.86 -8.60
CA ILE A 350 -22.84 -2.23 -9.95
C ILE A 350 -24.37 -2.32 -10.01
N LYS A 351 -24.97 -2.91 -8.97
CA LYS A 351 -26.43 -2.98 -8.88
C LYS A 351 -27.02 -1.58 -8.91
N MET A 352 -26.41 -0.67 -8.15
CA MET A 352 -26.86 0.71 -8.08
C MET A 352 -26.72 1.41 -9.44
N GLU A 353 -25.61 1.14 -10.12
CA GLU A 353 -25.39 1.70 -11.44
C GLU A 353 -26.47 1.25 -12.42
N LYS A 354 -26.82 -0.02 -12.39
CA LYS A 354 -27.87 -0.55 -13.27
C LYS A 354 -29.24 0.07 -12.97
N ALA A 355 -29.49 0.38 -11.70
CA ALA A 355 -30.78 0.87 -11.28
C ALA A 355 -30.90 2.37 -11.45
N ALA A 356 -29.76 3.02 -11.71
CA ALA A 356 -29.70 4.48 -11.72
C ALA A 356 -30.31 5.01 -13.00
N ALA A 357 -30.81 6.25 -12.94
CA ALA A 357 -31.47 6.85 -14.10
C ALA A 357 -30.49 7.28 -15.19
PB ADP B . -0.44 -0.08 -4.73
O1B ADP B . 0.79 0.68 -4.29
O2B ADP B . -0.24 -1.09 -5.84
O3B ADP B . -1.32 -0.47 -3.56
PA ADP B . -1.06 2.36 -6.35
O1A ADP B . 0.33 2.89 -6.17
O2A ADP B . -2.23 3.27 -6.62
O3A ADP B . -1.37 0.95 -5.81
O5' ADP B . -0.81 1.92 -8.10
C5' ADP B . 0.03 0.95 -8.47
C4' ADP B . -0.25 0.47 -9.97
O4' ADP B . -1.32 -0.49 -9.96
C3' ADP B . -0.76 1.62 -10.87
O3' ADP B . -0.24 1.53 -12.16
C2' ADP B . -2.28 1.33 -11.02
O2' ADP B . -2.74 1.61 -12.30
C1' ADP B . -2.22 -0.20 -10.95
N9 ADP B . -3.53 -0.86 -10.67
C8 ADP B . -4.23 -0.78 -9.44
N7 ADP B . -5.39 -1.47 -9.45
C5 ADP B . -5.44 -2.03 -10.74
C6 ADP B . -6.39 -2.85 -11.38
N6 ADP B . -7.54 -3.26 -10.72
N1 ADP B . -6.21 -3.26 -12.69
C2 ADP B . -5.07 -2.82 -13.29
N3 ADP B . -4.07 -2.04 -12.81
C4 ADP B . -4.30 -1.65 -11.51
MG MG C . 2.01 2.30 -4.67
N ORN D . 1.68 9.03 2.20
CA ORN D . 0.75 9.27 1.09
CB ORN D . 0.33 7.92 0.49
CG ORN D . -0.30 6.98 1.52
CD ORN D . -0.88 5.75 0.77
NE ORN D . 0.05 4.62 0.84
C ORN D . -0.53 10.00 1.64
O ORN D . -0.59 10.17 2.87
OXT ORN D . -1.38 10.36 0.80
N NO3 E . -0.72 2.28 -0.80
O1 NO3 E . -1.70 2.45 -1.47
O2 NO3 E . -0.84 1.88 0.32
O3 NO3 E . 0.41 2.50 -1.27
#